data_8JL8
#
_entry.id   8JL8
#
_cell.length_a   40.915
_cell.length_b   40.915
_cell.length_c   364.893
_cell.angle_alpha   90.00
_cell.angle_beta   90.00
_cell.angle_gamma   90.00
#
_symmetry.space_group_name_H-M   'P 41 21 2'
#
loop_
_entity.id
_entity.type
_entity.pdbx_description
1 polymer 'Collagen-binding adhesin'
2 non-polymer 'SULFATE ION'
3 non-polymer GLYCEROL
4 water water
#
_entity_poly.entity_id   1
_entity_poly.type   'polypeptide(L)'
_entity_poly.pdbx_seq_one_letter_code
;QASDVSSNISSLTVSPTQINDGGKTTVRFEFDEHAQNIKAGDTITVNWQNSGTVRGTGYTKTIKLEVQGKYVGDLVVTQD
KAVVTFNDSITGLQNITGWGEFEIEGRNFTDTTTGNTGSFQVTSGGKTAEVTVVKSASGTTGVFYYKTGDMQTDDTNHVR
WFLNINNENAYVDSDIRIEDDIQSGQTLDIDSFDITVNGSESYHGQEGINQLAQRYGATISADPASGHISVYIPQGYASL
NRFSIMYLTKVDNPDQKTFENNSKAWYKENGKDAVDGKEFNHSVANVNAAGGVDGRLQASSVDKLAAALEHHHHHHHH
;
_entity_poly.pdbx_strand_id   A
#
loop_
_chem_comp.id
_chem_comp.type
_chem_comp.name
_chem_comp.formula
GOL non-polymer GLYCEROL 'C3 H8 O3'
SO4 non-polymer 'SULFATE ION' 'O4 S -2'
#
# COMPACT_ATOMS: atom_id res chain seq x y z
N GLN A 1 -18.00 -15.08 20.60
CA GLN A 1 -18.94 -15.58 21.62
C GLN A 1 -20.28 -15.92 20.97
N ALA A 2 -21.39 -15.66 21.66
CA ALA A 2 -22.76 -15.86 21.15
C ALA A 2 -23.04 -14.84 20.05
N SER A 3 -22.29 -13.75 20.00
CA SER A 3 -22.56 -12.63 19.04
C SER A 3 -21.76 -12.78 17.74
N ASP A 4 -20.90 -13.79 17.62
CA ASP A 4 -20.28 -14.17 16.31
C ASP A 4 -21.29 -14.91 15.44
N VAL A 5 -21.79 -14.34 14.37
CA VAL A 5 -22.71 -15.02 13.45
C VAL A 5 -21.99 -15.25 12.08
N SER A 6 -20.71 -15.51 12.12
CA SER A 6 -19.91 -15.82 10.88
C SER A 6 -20.46 -17.07 10.18
N SER A 7 -21.19 -17.93 10.88
CA SER A 7 -21.86 -19.11 10.28
C SER A 7 -22.81 -18.67 9.18
N ASN A 8 -23.28 -17.41 9.20
CA ASN A 8 -24.20 -16.89 8.15
C ASN A 8 -23.48 -16.66 6.81
N ILE A 9 -22.15 -16.76 6.80
CA ILE A 9 -21.37 -16.66 5.52
C ILE A 9 -21.90 -17.70 4.54
N SER A 10 -22.27 -17.27 3.35
CA SER A 10 -22.77 -18.17 2.29
C SER A 10 -21.69 -18.40 1.23
N SER A 11 -20.72 -17.50 1.13
CA SER A 11 -19.72 -17.53 0.04
C SER A 11 -18.44 -16.87 0.51
N LEU A 12 -17.28 -17.44 0.18
CA LEU A 12 -15.98 -16.84 0.55
C LEU A 12 -14.99 -17.17 -0.57
N THR A 13 -14.46 -16.17 -1.24
CA THR A 13 -13.54 -16.42 -2.38
C THR A 13 -12.37 -15.49 -2.25
N VAL A 14 -11.25 -15.86 -2.86
CA VAL A 14 -10.04 -15.01 -2.92
C VAL A 14 -9.60 -15.04 -4.38
N SER A 15 -9.13 -13.90 -4.87
CA SER A 15 -8.80 -13.77 -6.30
C SER A 15 -7.69 -12.75 -6.43
N PRO A 16 -6.48 -13.09 -6.95
CA PRO A 16 -6.14 -14.46 -7.32
C PRO A 16 -6.01 -15.43 -6.14
N THR A 17 -6.05 -16.74 -6.40
CA THR A 17 -5.74 -17.79 -5.40
C THR A 17 -4.23 -17.91 -5.19
N GLN A 18 -3.40 -17.48 -6.17
CA GLN A 18 -1.93 -17.52 -6.06
C GLN A 18 -1.34 -16.19 -6.56
N ILE A 19 -0.39 -15.66 -5.83
CA ILE A 19 0.19 -14.30 -6.05
C ILE A 19 1.69 -14.37 -5.78
N ASN A 20 2.42 -13.48 -6.48
CA ASN A 20 3.80 -13.06 -6.14
C ASN A 20 3.82 -12.43 -4.76
N ASP A 21 4.93 -12.66 -4.09
CA ASP A 21 5.34 -11.96 -2.85
C ASP A 21 5.14 -10.47 -3.02
N GLY A 22 4.38 -9.87 -2.09
CA GLY A 22 4.10 -8.42 -2.07
C GLY A 22 2.89 -8.06 -2.89
N GLY A 23 2.31 -9.00 -3.66
CA GLY A 23 1.08 -8.78 -4.42
C GLY A 23 -0.17 -8.80 -3.52
N LYS A 24 -1.34 -8.62 -4.09
CA LYS A 24 -2.57 -8.65 -3.27
C LYS A 24 -3.61 -9.57 -3.88
N THR A 25 -4.50 -10.04 -3.01
CA THR A 25 -5.69 -10.82 -3.34
C THR A 25 -6.90 -10.03 -2.85
N THR A 26 -7.97 -10.12 -3.60
CA THR A 26 -9.31 -9.58 -3.28
C THR A 26 -10.10 -10.71 -2.62
N VAL A 27 -10.52 -10.45 -1.39
CA VAL A 27 -11.46 -11.34 -0.64
C VAL A 27 -12.86 -10.86 -0.93
N ARG A 28 -13.73 -11.75 -1.40
CA ARG A 28 -15.18 -11.47 -1.56
C ARG A 28 -15.96 -12.44 -0.67
N PHE A 29 -16.89 -11.91 0.12
CA PHE A 29 -17.75 -12.77 0.98
C PHE A 29 -19.19 -12.34 0.83
N GLU A 30 -20.11 -13.31 0.94
CA GLU A 30 -21.56 -13.03 0.97
C GLU A 30 -22.07 -13.65 2.24
N PHE A 31 -23.15 -13.11 2.76
CA PHE A 31 -23.81 -13.66 3.97
C PHE A 31 -25.32 -13.47 3.85
N ASP A 32 -26.03 -14.31 4.61
CA ASP A 32 -27.49 -14.19 4.71
C ASP A 32 -27.87 -14.47 6.18
N GLU A 33 -29.06 -15.02 6.42
CA GLU A 33 -29.41 -15.46 7.79
C GLU A 33 -29.63 -16.97 7.80
N HIS A 34 -28.89 -17.77 6.98
CA HIS A 34 -29.20 -19.22 6.91
C HIS A 34 -28.91 -19.94 8.24
N ALA A 35 -27.92 -19.56 9.05
CA ALA A 35 -27.58 -20.23 10.31
C ALA A 35 -28.40 -19.62 11.46
N GLN A 36 -28.57 -18.30 11.49
CA GLN A 36 -29.33 -17.60 12.58
C GLN A 36 -29.64 -16.14 12.20
N ASN A 37 -30.56 -15.49 12.91
CA ASN A 37 -30.90 -14.09 12.60
C ASN A 37 -29.76 -13.19 13.04
N ILE A 38 -29.58 -12.11 12.34
CA ILE A 38 -28.60 -11.04 12.62
C ILE A 38 -29.29 -9.98 13.48
N LYS A 39 -28.63 -9.58 14.55
CA LYS A 39 -29.13 -8.55 15.49
C LYS A 39 -28.00 -7.60 15.79
N ALA A 40 -28.30 -6.45 16.39
CA ALA A 40 -27.34 -5.40 16.81
C ALA A 40 -26.24 -6.03 17.65
N GLY A 41 -25.00 -5.63 17.39
CA GLY A 41 -23.79 -6.10 18.08
C GLY A 41 -23.23 -7.38 17.48
N ASP A 42 -23.99 -8.10 16.64
CA ASP A 42 -23.47 -9.35 16.06
C ASP A 42 -22.34 -8.97 15.12
N THR A 43 -21.45 -9.93 14.92
CA THR A 43 -20.27 -9.65 14.10
C THR A 43 -20.09 -10.80 13.17
N ILE A 44 -19.51 -10.49 12.01
CA ILE A 44 -19.12 -11.51 11.01
C ILE A 44 -17.65 -11.21 10.73
N THR A 45 -16.77 -12.18 10.99
CA THR A 45 -15.31 -12.02 10.96
C THR A 45 -14.71 -12.91 9.87
N VAL A 46 -13.94 -12.29 8.96
CA VAL A 46 -12.94 -12.98 8.08
C VAL A 46 -11.59 -12.87 8.78
N ASN A 47 -11.00 -14.01 9.14
CA ASN A 47 -9.63 -14.11 9.64
C ASN A 47 -8.69 -14.56 8.49
N TRP A 48 -7.44 -14.26 8.65
CA TRP A 48 -6.37 -14.83 7.80
C TRP A 48 -5.14 -14.96 8.69
N GLN A 49 -4.24 -15.88 8.34
CA GLN A 49 -2.96 -16.01 9.07
C GLN A 49 -2.16 -14.75 8.76
N ASN A 50 -1.68 -14.12 9.81
CA ASN A 50 -1.16 -12.75 9.79
C ASN A 50 0.17 -12.71 10.53
N SER A 51 0.66 -13.83 11.07
CA SER A 51 1.80 -13.78 12.04
C SER A 51 3.00 -14.65 11.69
N GLY A 52 2.94 -15.56 10.70
CA GLY A 52 4.07 -16.50 10.46
C GLY A 52 4.95 -16.08 9.28
N THR A 53 5.60 -17.06 8.64
CA THR A 53 6.49 -16.85 7.46
C THR A 53 5.69 -16.45 6.21
N VAL A 54 4.64 -17.19 5.91
CA VAL A 54 3.75 -16.83 4.78
C VAL A 54 2.48 -16.31 5.47
N ARG A 55 2.16 -15.07 5.17
CA ARG A 55 1.03 -14.41 5.90
C ARG A 55 0.30 -13.43 4.98
N GLY A 56 -0.88 -13.00 5.44
CA GLY A 56 -1.63 -11.91 4.82
C GLY A 56 -1.63 -10.71 5.75
N THR A 57 -1.62 -9.53 5.15
CA THR A 57 -1.83 -8.25 5.87
C THR A 57 -2.95 -7.48 5.18
N GLY A 58 -4.02 -7.18 5.90
CA GLY A 58 -5.13 -6.45 5.27
C GLY A 58 -4.77 -5.01 4.98
N TYR A 59 -5.33 -4.50 3.90
CA TYR A 59 -5.23 -3.07 3.53
C TYR A 59 -6.32 -2.35 4.33
N THR A 60 -5.91 -1.59 5.31
CA THR A 60 -6.79 -0.97 6.35
C THR A 60 -7.82 -0.02 5.72
N LYS A 61 -9.10 -0.25 6.03
CA LYS A 61 -10.25 0.51 5.50
C LYS A 61 -11.40 0.38 6.50
N THR A 62 -12.23 1.41 6.60
CA THR A 62 -13.55 1.32 7.29
C THR A 62 -14.60 1.80 6.30
N ILE A 63 -15.56 0.96 5.97
CA ILE A 63 -16.72 1.21 5.06
C ILE A 63 -18.03 1.19 5.90
N LYS A 64 -18.88 2.20 5.71
CA LYS A 64 -20.27 2.22 6.25
C LYS A 64 -21.11 1.28 5.40
N LEU A 65 -21.94 0.44 6.03
CA LEU A 65 -22.86 -0.47 5.32
C LEU A 65 -24.28 0.07 5.46
N GLU A 66 -25.02 0.13 4.35
CA GLU A 66 -26.36 0.73 4.30
C GLU A 66 -27.29 -0.27 3.62
N VAL A 67 -28.53 -0.30 4.07
CA VAL A 67 -29.60 -0.98 3.31
C VAL A 67 -30.54 0.14 2.84
N GLN A 68 -30.58 0.33 1.52
CA GLN A 68 -31.42 1.34 0.86
C GLN A 68 -31.25 2.68 1.59
N GLY A 69 -29.99 3.11 1.79
CA GLY A 69 -29.63 4.40 2.42
C GLY A 69 -29.44 4.37 3.92
N LYS A 70 -30.02 3.39 4.62
CA LYS A 70 -30.04 3.33 6.11
C LYS A 70 -28.73 2.74 6.64
N TYR A 71 -28.01 3.49 7.46
CA TYR A 71 -26.73 3.05 8.06
C TYR A 71 -27.00 1.97 9.10
N VAL A 72 -26.59 0.73 8.84
CA VAL A 72 -26.93 -0.44 9.73
C VAL A 72 -25.66 -1.11 10.27
N GLY A 73 -24.46 -0.67 9.90
CA GLY A 73 -23.22 -1.18 10.51
C GLY A 73 -22.01 -0.89 9.64
N ASP A 74 -20.87 -1.51 9.95
CA ASP A 74 -19.65 -1.16 9.20
C ASP A 74 -18.82 -2.41 8.91
N LEU A 75 -18.00 -2.25 7.89
CA LEU A 75 -16.93 -3.24 7.56
C LEU A 75 -15.61 -2.59 7.94
N VAL A 76 -14.96 -3.15 8.94
CA VAL A 76 -13.65 -2.65 9.40
C VAL A 76 -12.58 -3.67 8.96
N VAL A 77 -11.71 -3.25 8.06
CA VAL A 77 -10.58 -4.11 7.62
C VAL A 77 -9.37 -3.60 8.37
N THR A 78 -8.76 -4.44 9.20
CA THR A 78 -7.48 -4.11 9.87
C THR A 78 -6.38 -4.95 9.22
N GLN A 79 -5.18 -4.89 9.76
CA GLN A 79 -4.04 -5.67 9.19
C GLN A 79 -4.27 -7.16 9.47
N ASP A 80 -5.00 -7.52 10.53
CA ASP A 80 -5.09 -8.91 11.05
C ASP A 80 -6.40 -9.58 10.70
N LYS A 81 -7.49 -8.83 10.54
CA LYS A 81 -8.80 -9.44 10.23
C LYS A 81 -9.75 -8.40 9.68
N ALA A 82 -10.90 -8.84 9.19
CA ALA A 82 -11.98 -8.01 8.65
C ALA A 82 -13.26 -8.32 9.45
N VAL A 83 -13.92 -7.30 9.94
CA VAL A 83 -15.08 -7.51 10.86
C VAL A 83 -16.23 -6.64 10.42
N VAL A 84 -17.37 -7.28 10.16
CA VAL A 84 -18.67 -6.60 9.98
C VAL A 84 -19.36 -6.54 11.34
N THR A 85 -19.77 -5.33 11.76
CA THR A 85 -20.55 -5.18 13.03
C THR A 85 -21.83 -4.45 12.72
N PHE A 86 -22.94 -4.94 13.28
CA PHE A 86 -24.28 -4.40 13.03
C PHE A 86 -24.61 -3.46 14.20
N ASN A 87 -25.16 -2.29 13.86
CA ASN A 87 -25.53 -1.28 14.88
C ASN A 87 -26.96 -1.55 15.30
N ASP A 88 -27.48 -0.71 16.20
CA ASP A 88 -28.84 -0.91 16.74
C ASP A 88 -29.88 -0.65 15.64
N SER A 89 -29.55 -0.01 14.51
CA SER A 89 -30.56 0.26 13.44
C SER A 89 -30.86 -0.97 12.59
N ILE A 90 -30.14 -2.08 12.75
CA ILE A 90 -30.44 -3.34 12.02
C ILE A 90 -31.75 -3.93 12.52
N THR A 91 -32.20 -3.53 13.70
CA THR A 91 -33.41 -4.10 14.34
C THR A 91 -34.63 -4.01 13.40
N GLY A 92 -35.34 -5.11 13.24
CA GLY A 92 -36.61 -5.17 12.49
C GLY A 92 -36.43 -5.58 11.04
N LEU A 93 -35.21 -5.49 10.49
CA LEU A 93 -34.96 -5.82 9.07
C LEU A 93 -35.07 -7.32 8.87
N GLN A 94 -35.79 -7.75 7.84
CA GLN A 94 -36.03 -9.19 7.58
C GLN A 94 -35.23 -9.59 6.34
N ASN A 95 -35.06 -10.89 6.16
CA ASN A 95 -34.40 -11.51 4.97
C ASN A 95 -33.11 -10.73 4.70
N ILE A 96 -32.26 -10.61 5.72
CA ILE A 96 -31.03 -9.81 5.60
C ILE A 96 -30.06 -10.60 4.72
N THR A 97 -29.50 -9.94 3.72
CA THR A 97 -28.37 -10.47 2.89
C THR A 97 -27.29 -9.38 2.78
N GLY A 98 -26.05 -9.76 2.49
CA GLY A 98 -24.96 -8.81 2.45
C GLY A 98 -23.75 -9.37 1.74
N TRP A 99 -22.78 -8.51 1.54
CA TRP A 99 -21.53 -8.83 0.82
C TRP A 99 -20.48 -7.81 1.26
N GLY A 100 -19.22 -8.22 1.17
CA GLY A 100 -18.05 -7.39 1.41
C GLY A 100 -16.96 -7.76 0.42
N GLU A 101 -16.12 -6.80 0.11
CA GLU A 101 -14.92 -6.99 -0.72
C GLU A 101 -13.81 -6.17 -0.05
N PHE A 102 -12.63 -6.74 0.04
CA PHE A 102 -11.44 -6.02 0.54
C PHE A 102 -10.18 -6.74 0.07
N GLU A 103 -9.02 -6.19 0.41
CA GLU A 103 -7.76 -6.61 -0.18
C GLU A 103 -6.78 -6.97 0.90
N ILE A 104 -6.01 -8.04 0.68
CA ILE A 104 -4.96 -8.52 1.60
C ILE A 104 -3.64 -8.56 0.81
N GLU A 105 -2.54 -8.07 1.43
CA GLU A 105 -1.19 -8.23 0.81
C GLU A 105 -0.65 -9.61 1.23
N GLY A 106 -0.12 -10.40 0.29
CA GLY A 106 0.56 -11.64 0.64
C GLY A 106 2.05 -11.39 0.79
N ARG A 107 2.67 -11.97 1.81
CA ARG A 107 4.14 -11.95 1.97
C ARG A 107 4.63 -13.35 2.30
N ASN A 108 5.80 -13.66 1.73
CA ASN A 108 6.53 -14.91 1.95
C ASN A 108 7.93 -14.51 2.44
N PHE A 109 8.20 -14.59 3.74
CA PHE A 109 9.49 -14.18 4.36
C PHE A 109 10.47 -15.39 4.40
N THR A 110 10.15 -16.51 3.71
CA THR A 110 10.97 -17.76 3.78
C THR A 110 12.40 -17.36 3.43
N ASP A 111 13.40 -17.72 4.26
CA ASP A 111 14.82 -17.44 3.94
C ASP A 111 15.40 -18.64 3.18
N THR A 112 15.11 -18.71 1.89
CA THR A 112 15.87 -19.45 0.83
C THR A 112 16.18 -18.43 -0.27
N THR A 113 17.41 -18.47 -0.82
CA THR A 113 17.86 -17.69 -2.01
C THR A 113 17.18 -18.27 -3.27
N THR A 114 16.58 -19.47 -3.16
CA THR A 114 15.73 -20.12 -4.20
C THR A 114 14.36 -19.43 -4.35
N GLY A 115 13.55 -19.91 -5.29
CA GLY A 115 12.07 -19.77 -5.24
C GLY A 115 11.51 -20.49 -4.02
N ASN A 116 10.42 -20.00 -3.45
CA ASN A 116 9.70 -20.70 -2.36
C ASN A 116 8.22 -20.45 -2.53
N THR A 117 7.42 -21.50 -2.45
CA THR A 117 5.95 -21.42 -2.53
C THR A 117 5.44 -21.81 -1.15
N GLY A 118 4.58 -20.97 -0.60
CA GLY A 118 3.92 -21.29 0.68
C GLY A 118 2.54 -20.70 0.64
N SER A 119 1.73 -20.94 1.68
CA SER A 119 0.34 -20.47 1.58
C SER A 119 -0.11 -20.02 2.98
N PHE A 120 -1.04 -19.10 2.99
CA PHE A 120 -1.74 -18.66 4.23
C PHE A 120 -3.23 -18.94 4.02
N GLN A 121 -3.91 -19.19 5.15
CA GLN A 121 -5.33 -19.57 5.21
C GLN A 121 -6.17 -18.32 5.54
N VAL A 122 -7.25 -18.17 4.82
CA VAL A 122 -8.32 -17.17 5.06
C VAL A 122 -9.53 -17.99 5.52
N THR A 123 -10.22 -17.56 6.58
CA THR A 123 -11.34 -18.35 7.13
C THR A 123 -12.46 -17.40 7.57
N SER A 124 -13.70 -17.77 7.28
CA SER A 124 -14.92 -17.08 7.78
C SER A 124 -16.01 -18.12 8.03
N GLY A 125 -16.47 -18.27 9.28
CA GLY A 125 -17.63 -19.16 9.51
C GLY A 125 -17.28 -20.57 9.07
N GLY A 126 -18.10 -21.17 8.20
CA GLY A 126 -17.94 -22.54 7.65
C GLY A 126 -16.91 -22.65 6.51
N LYS A 127 -16.34 -21.52 6.06
CA LYS A 127 -15.61 -21.47 4.77
C LYS A 127 -14.11 -21.25 5.01
N THR A 128 -13.24 -21.91 4.22
CA THR A 128 -11.77 -21.67 4.29
C THR A 128 -11.26 -21.50 2.86
N ALA A 129 -10.22 -20.70 2.68
CA ALA A 129 -9.59 -20.45 1.36
C ALA A 129 -8.09 -20.39 1.60
N GLU A 130 -7.29 -20.82 0.62
CA GLU A 130 -5.83 -20.76 0.78
C GLU A 130 -5.33 -19.81 -0.32
N VAL A 131 -4.45 -18.92 0.10
CA VAL A 131 -3.73 -17.98 -0.81
C VAL A 131 -2.31 -18.47 -0.83
N THR A 132 -1.80 -18.79 -2.02
CA THR A 132 -0.38 -19.21 -2.17
C THR A 132 0.44 -18.01 -2.56
N VAL A 133 1.57 -17.83 -1.89
CA VAL A 133 2.43 -16.64 -2.09
C VAL A 133 3.79 -17.16 -2.56
N VAL A 134 4.18 -16.75 -3.74
CA VAL A 134 5.46 -17.26 -4.33
C VAL A 134 6.50 -16.17 -4.20
N LYS A 135 7.59 -16.48 -3.51
CA LYS A 135 8.79 -15.62 -3.45
C LYS A 135 9.73 -15.96 -4.61
N SER A 136 10.10 -14.99 -5.43
CA SER A 136 11.12 -15.18 -6.51
C SER A 136 12.55 -15.24 -5.89
N ALA A 137 13.44 -16.03 -6.49
CA ALA A 137 14.84 -16.26 -6.05
C ALA A 137 15.58 -14.93 -5.87
N VAL A 143 20.71 -1.17 -11.11
CA VAL A 143 20.56 0.11 -11.86
C VAL A 143 21.09 1.26 -11.00
N PHE A 144 21.71 2.25 -11.64
CA PHE A 144 22.16 3.50 -10.97
C PHE A 144 20.94 4.17 -10.27
N TYR A 145 19.81 4.24 -10.95
CA TYR A 145 18.63 5.02 -10.47
C TYR A 145 17.34 4.35 -10.94
N TYR A 146 16.37 4.21 -10.02
CA TYR A 146 14.96 3.93 -10.33
C TYR A 146 14.10 4.61 -9.26
N LYS A 147 12.85 4.76 -9.62
CA LYS A 147 11.80 5.28 -8.73
C LYS A 147 10.80 4.15 -8.52
N THR A 148 10.36 3.98 -7.27
CA THR A 148 9.34 2.97 -6.99
C THR A 148 8.36 3.55 -5.95
N GLY A 149 7.34 2.79 -5.61
CA GLY A 149 6.35 3.24 -4.61
C GLY A 149 5.44 2.13 -4.17
N ASP A 150 4.69 2.38 -3.09
CA ASP A 150 3.70 1.40 -2.60
C ASP A 150 2.69 2.11 -1.69
N MET A 151 1.59 1.42 -1.47
CA MET A 151 0.63 1.79 -0.41
C MET A 151 0.88 0.87 0.78
N GLN A 152 1.26 1.42 1.93
CA GLN A 152 1.44 0.65 3.19
C GLN A 152 0.05 0.16 3.66
N THR A 153 0.00 -1.07 4.16
CA THR A 153 -1.26 -1.71 4.61
C THR A 153 -1.88 -0.88 5.73
N ASP A 154 -1.06 -0.23 6.55
CA ASP A 154 -1.56 0.58 7.70
C ASP A 154 -1.79 2.04 7.32
N ASP A 155 -1.69 2.41 6.04
CA ASP A 155 -1.76 3.84 5.63
C ASP A 155 -2.26 3.92 4.20
N THR A 156 -3.53 3.62 3.98
CA THR A 156 -4.14 3.47 2.63
C THR A 156 -4.65 4.83 2.12
N ASN A 157 -4.47 5.91 2.87
CA ASN A 157 -4.79 7.27 2.39
C ASN A 157 -3.51 7.98 1.93
N HIS A 158 -2.36 7.29 1.86
CA HIS A 158 -1.11 7.86 1.30
C HIS A 158 -0.41 6.88 0.37
N VAL A 159 0.34 7.44 -0.56
CA VAL A 159 1.29 6.66 -1.39
C VAL A 159 2.69 7.01 -0.92
N ARG A 160 3.51 5.99 -0.72
CA ARG A 160 4.92 6.16 -0.35
C ARG A 160 5.76 6.04 -1.64
N TRP A 161 6.64 6.98 -1.89
CA TRP A 161 7.44 7.04 -3.14
C TRP A 161 8.90 7.01 -2.77
N PHE A 162 9.74 6.42 -3.64
CA PHE A 162 11.20 6.32 -3.35
C PHE A 162 11.98 6.73 -4.61
N LEU A 163 12.93 7.63 -4.45
CA LEU A 163 13.89 7.98 -5.52
C LEU A 163 15.22 7.38 -5.09
N ASN A 164 15.55 6.23 -5.68
CA ASN A 164 16.71 5.40 -5.24
C ASN A 164 17.87 5.66 -6.20
N ILE A 165 18.88 6.37 -5.71
CA ILE A 165 19.92 7.07 -6.51
C ILE A 165 21.30 6.50 -6.16
N ASN A 166 22.04 6.05 -7.18
CA ASN A 166 23.43 5.53 -7.06
C ASN A 166 23.40 4.29 -6.18
N ASN A 167 22.60 3.31 -6.59
CA ASN A 167 22.22 2.15 -5.76
C ASN A 167 23.43 1.21 -5.54
N GLU A 168 24.48 1.31 -6.39
CA GLU A 168 25.69 0.45 -6.28
C GLU A 168 26.88 1.27 -5.79
N ASN A 169 26.64 2.49 -5.32
CA ASN A 169 27.70 3.38 -4.77
C ASN A 169 28.83 3.53 -5.78
N ALA A 170 28.51 3.78 -7.06
CA ALA A 170 29.47 3.95 -8.16
C ALA A 170 30.18 5.29 -8.06
N TYR A 171 31.36 5.41 -8.70
CA TYR A 171 32.01 6.71 -9.06
C TYR A 171 31.05 7.45 -10.01
N VAL A 172 30.85 8.74 -9.74
CA VAL A 172 29.95 9.61 -10.53
C VAL A 172 30.84 10.71 -11.15
N ASP A 173 30.78 10.82 -12.49
CA ASP A 173 31.53 11.83 -13.28
C ASP A 173 30.91 13.21 -13.07
N SER A 174 29.58 13.30 -13.02
CA SER A 174 28.81 14.57 -13.06
C SER A 174 28.07 14.80 -11.74
N ASP A 175 27.41 15.95 -11.66
CA ASP A 175 26.23 16.13 -10.76
C ASP A 175 25.14 15.14 -11.20
N ILE A 176 24.20 14.88 -10.30
CA ILE A 176 22.96 14.11 -10.57
C ILE A 176 21.80 15.09 -10.46
N ARG A 177 20.91 15.09 -11.45
CA ARG A 177 19.70 15.92 -11.44
C ARG A 177 18.50 15.02 -11.65
N ILE A 178 17.52 15.15 -10.76
CA ILE A 178 16.20 14.51 -10.94
C ILE A 178 15.15 15.63 -11.00
N GLU A 179 14.22 15.51 -11.94
CA GLU A 179 13.04 16.38 -12.12
C GLU A 179 11.82 15.46 -12.05
N ASP A 180 10.97 15.67 -11.05
CA ASP A 180 9.88 14.72 -10.73
C ASP A 180 8.55 15.46 -10.82
N ASP A 181 7.61 14.95 -11.60
CA ASP A 181 6.21 15.42 -11.60
C ASP A 181 5.31 14.33 -11.04
N ILE A 182 4.77 14.59 -9.86
CA ILE A 182 3.69 13.77 -9.25
C ILE A 182 2.40 13.94 -10.08
N GLN A 183 1.75 12.85 -10.47
CA GLN A 183 0.53 12.91 -11.32
C GLN A 183 -0.72 13.11 -10.44
N SER A 184 -1.85 13.40 -11.08
CA SER A 184 -3.05 13.95 -10.40
C SER A 184 -3.67 12.94 -9.42
N GLY A 185 -4.48 13.45 -8.51
CA GLY A 185 -5.28 12.63 -7.59
C GLY A 185 -4.58 12.43 -6.28
N GLN A 186 -3.47 13.13 -6.08
CA GLN A 186 -2.62 12.99 -4.88
C GLN A 186 -1.86 14.30 -4.68
N THR A 187 -1.44 14.59 -3.44
CA THR A 187 -0.72 15.83 -3.05
C THR A 187 0.51 15.47 -2.21
N LEU A 188 1.65 16.04 -2.57
CA LEU A 188 2.89 15.91 -1.77
C LEU A 188 2.67 16.45 -0.35
N ASP A 189 3.10 15.67 0.64
CA ASP A 189 3.29 16.11 2.05
C ASP A 189 4.77 16.47 2.22
N ILE A 190 5.11 17.77 2.23
CA ILE A 190 6.53 18.21 2.38
C ILE A 190 7.13 17.67 3.68
N ASP A 191 6.36 17.69 4.77
CA ASP A 191 6.87 17.23 6.08
C ASP A 191 7.26 15.74 6.02
N SER A 192 6.79 14.98 5.02
CA SER A 192 7.00 13.51 4.92
C SER A 192 8.40 13.18 4.38
N PHE A 193 9.20 14.13 3.88
CA PHE A 193 10.50 13.80 3.24
C PHE A 193 11.39 13.07 4.26
N ASP A 194 11.95 11.96 3.81
CA ASP A 194 12.97 11.17 4.55
C ASP A 194 14.08 10.80 3.56
N ILE A 195 15.25 11.36 3.71
CA ILE A 195 16.40 11.04 2.81
C ILE A 195 17.43 10.25 3.64
N THR A 196 17.64 8.99 3.27
CA THR A 196 18.71 8.16 3.86
C THR A 196 19.89 8.11 2.90
N VAL A 197 21.09 8.39 3.41
CA VAL A 197 22.38 8.31 2.67
C VAL A 197 23.14 7.08 3.19
N ASN A 198 23.55 6.23 2.26
CA ASN A 198 24.41 5.06 2.53
C ASN A 198 23.80 4.21 3.64
N GLY A 199 22.49 4.25 3.81
CA GLY A 199 21.78 3.53 4.89
C GLY A 199 22.35 3.79 6.29
N SER A 200 22.85 4.99 6.56
CA SER A 200 23.47 5.34 7.86
C SER A 200 22.87 6.66 8.34
N GLU A 201 22.70 7.64 7.45
CA GLU A 201 22.18 8.95 7.93
C GLU A 201 20.75 9.13 7.42
N SER A 202 19.87 9.70 8.26
CA SER A 202 18.45 9.99 7.95
C SER A 202 18.17 11.48 8.15
N TYR A 203 17.64 12.13 7.11
CA TYR A 203 17.26 13.56 7.13
C TYR A 203 15.73 13.63 6.95
N HIS A 204 15.01 14.25 7.89
CA HIS A 204 13.53 14.23 7.95
C HIS A 204 12.98 15.63 7.76
N GLY A 205 11.90 15.73 6.98
CA GLY A 205 11.12 16.97 6.74
C GLY A 205 11.99 18.12 6.28
N GLN A 206 11.50 19.35 6.47
CA GLN A 206 12.17 20.60 6.02
C GLN A 206 13.55 20.73 6.67
N GLU A 207 13.66 20.49 7.97
CA GLU A 207 14.94 20.63 8.73
C GLU A 207 15.99 19.72 8.06
N GLY A 208 15.64 18.48 7.76
CA GLY A 208 16.54 17.50 7.11
C GLY A 208 16.98 17.98 5.74
N ILE A 209 16.02 18.33 4.87
CA ILE A 209 16.29 18.96 3.56
C ILE A 209 17.29 20.11 3.75
N ASN A 210 17.09 20.95 4.76
CA ASN A 210 17.98 22.11 5.06
C ASN A 210 19.36 21.62 5.51
N GLN A 211 19.41 20.56 6.32
CA GLN A 211 20.68 19.93 6.75
C GLN A 211 21.47 19.51 5.50
N LEU A 212 20.93 18.57 4.70
CA LEU A 212 21.53 18.09 3.42
C LEU A 212 22.09 19.25 2.59
N ALA A 213 21.30 20.32 2.43
CA ALA A 213 21.63 21.48 1.57
C ALA A 213 22.96 22.09 2.03
N GLN A 214 22.96 22.79 3.17
CA GLN A 214 24.12 23.63 3.63
C GLN A 214 25.30 22.74 4.06
N ARG A 215 25.06 21.49 4.45
CA ARG A 215 26.15 20.55 4.78
C ARG A 215 26.85 20.12 3.49
N TYR A 216 26.14 19.56 2.51
CA TYR A 216 26.75 18.85 1.35
C TYR A 216 26.25 19.36 -0.01
N GLY A 217 25.60 20.52 -0.05
CA GLY A 217 25.21 21.24 -1.29
C GLY A 217 24.17 20.51 -2.10
N ALA A 218 23.58 19.44 -1.56
CA ALA A 218 22.51 18.65 -2.21
C ALA A 218 21.16 19.30 -1.93
N THR A 219 20.40 19.60 -2.98
CA THR A 219 19.19 20.43 -2.88
C THR A 219 17.99 19.62 -3.36
N ILE A 220 17.05 19.50 -2.47
CA ILE A 220 15.67 19.04 -2.73
C ILE A 220 14.81 20.28 -2.62
N SER A 221 14.11 20.59 -3.70
CA SER A 221 13.15 21.70 -3.78
C SER A 221 11.81 21.12 -4.25
N ALA A 222 10.70 21.46 -3.60
CA ALA A 222 9.39 20.87 -3.93
C ALA A 222 8.30 21.94 -3.93
N ASP A 223 7.30 21.76 -4.80
CA ASP A 223 6.11 22.61 -4.95
C ASP A 223 4.89 21.69 -4.89
N PRO A 224 4.25 21.55 -3.70
CA PRO A 224 3.07 20.69 -3.58
C PRO A 224 1.87 21.10 -4.44
N ALA A 225 1.66 22.40 -4.69
CA ALA A 225 0.61 22.88 -5.62
C ALA A 225 0.81 22.31 -7.03
N SER A 226 2.03 22.30 -7.56
CA SER A 226 2.31 21.82 -8.94
C SER A 226 2.65 20.31 -8.95
N GLY A 227 3.05 19.76 -7.80
CA GLY A 227 3.47 18.35 -7.70
C GLY A 227 4.89 18.14 -8.20
N HIS A 228 5.69 19.20 -8.26
CA HIS A 228 7.07 19.11 -8.79
C HIS A 228 8.06 18.98 -7.64
N ILE A 229 9.03 18.10 -7.84
CA ILE A 229 10.24 17.97 -6.97
C ILE A 229 11.48 18.02 -7.85
N SER A 230 12.47 18.80 -7.44
CA SER A 230 13.78 18.90 -8.12
C SER A 230 14.83 18.36 -7.14
N VAL A 231 15.75 17.58 -7.66
CA VAL A 231 16.89 17.03 -6.87
C VAL A 231 18.16 17.36 -7.65
N TYR A 232 19.09 18.01 -6.95
CA TYR A 232 20.46 18.31 -7.37
C TYR A 232 21.44 17.75 -6.33
N ILE A 233 22.37 16.93 -6.81
CA ILE A 233 23.50 16.40 -5.99
C ILE A 233 24.81 16.75 -6.69
N PRO A 234 25.67 17.59 -6.06
CA PRO A 234 26.95 17.96 -6.65
C PRO A 234 27.83 16.71 -6.77
N GLN A 235 28.69 16.67 -7.81
CA GLN A 235 29.54 15.52 -8.20
C GLN A 235 30.32 15.02 -6.97
N GLY A 236 30.85 15.96 -6.21
CA GLY A 236 31.68 15.76 -4.99
C GLY A 236 30.96 14.94 -3.95
N TYR A 237 29.66 15.16 -3.73
CA TYR A 237 28.87 14.45 -2.70
C TYR A 237 28.18 13.23 -3.32
N ALA A 238 27.99 13.21 -4.65
CA ALA A 238 27.26 12.14 -5.35
C ALA A 238 28.14 10.89 -5.47
N SER A 239 29.44 11.09 -5.73
CA SER A 239 30.39 10.00 -6.05
C SER A 239 30.49 9.07 -4.83
N LEU A 240 30.26 7.77 -5.04
CA LEU A 240 30.39 6.68 -4.03
C LEU A 240 29.32 6.76 -2.94
N ASN A 241 28.39 7.71 -3.05
CA ASN A 241 27.31 7.86 -2.04
C ASN A 241 26.01 7.34 -2.67
N ARG A 242 25.13 6.85 -1.81
CA ARG A 242 23.84 6.22 -2.16
C ARG A 242 22.72 7.00 -1.44
N PHE A 243 21.65 7.33 -2.16
CA PHE A 243 20.56 8.20 -1.66
C PHE A 243 19.25 7.47 -1.90
N SER A 244 18.44 7.43 -0.86
CA SER A 244 17.03 7.01 -0.94
C SER A 244 16.24 8.23 -0.45
N ILE A 245 15.58 8.90 -1.39
CA ILE A 245 14.68 10.05 -1.11
C ILE A 245 13.28 9.49 -1.10
N MET A 246 12.69 9.48 0.10
CA MET A 246 11.35 8.96 0.34
C MET A 246 10.44 10.14 0.70
N TYR A 247 9.21 10.05 0.24
CA TYR A 247 8.13 11.02 0.58
C TYR A 247 6.76 10.36 0.37
N LEU A 248 5.72 10.92 1.02
CA LEU A 248 4.31 10.53 0.94
C LEU A 248 3.55 11.54 0.08
N THR A 249 2.61 11.05 -0.68
CA THR A 249 1.49 11.86 -1.19
C THR A 249 0.24 11.44 -0.42
N LYS A 250 -0.63 12.42 -0.19
CA LYS A 250 -1.95 12.17 0.38
C LYS A 250 -2.85 11.85 -0.81
N VAL A 251 -3.65 10.80 -0.69
CA VAL A 251 -4.67 10.46 -1.72
C VAL A 251 -5.79 11.51 -1.67
N ASP A 252 -6.09 12.12 -2.82
CA ASP A 252 -7.16 13.13 -2.95
C ASP A 252 -8.40 12.51 -3.62
N ASN A 253 -8.24 11.47 -4.43
CA ASN A 253 -9.36 10.83 -5.17
C ASN A 253 -9.41 9.37 -4.76
N PRO A 254 -10.20 9.03 -3.70
CA PRO A 254 -10.18 7.68 -3.12
C PRO A 254 -10.60 6.56 -4.10
N ASP A 255 -11.33 6.87 -5.17
CA ASP A 255 -11.85 5.90 -6.17
C ASP A 255 -10.91 5.76 -7.37
N GLN A 256 -9.83 6.52 -7.42
CA GLN A 256 -8.84 6.43 -8.53
C GLN A 256 -8.21 5.04 -8.50
N LYS A 257 -7.96 4.43 -9.66
CA LYS A 257 -7.41 3.06 -9.76
C LYS A 257 -5.89 3.06 -9.51
N THR A 258 -5.17 4.03 -10.07
CA THR A 258 -3.69 4.05 -10.00
C THR A 258 -3.17 5.46 -9.72
N PHE A 259 -2.12 5.57 -8.92
CA PHE A 259 -1.36 6.82 -8.67
C PHE A 259 -0.02 6.71 -9.40
N GLU A 260 0.35 7.75 -10.15
CA GLU A 260 1.56 7.75 -11.01
C GLU A 260 2.49 8.87 -10.54
N ASN A 261 3.77 8.58 -10.66
CA ASN A 261 4.85 9.52 -10.37
C ASN A 261 5.85 9.40 -11.51
N ASN A 262 6.16 10.53 -12.14
CA ASN A 262 7.07 10.59 -13.32
C ASN A 262 8.36 11.28 -12.89
N SER A 263 9.51 10.76 -13.33
CA SER A 263 10.78 11.49 -13.16
C SER A 263 11.58 11.42 -14.46
N LYS A 264 12.51 12.34 -14.57
CA LYS A 264 13.60 12.34 -15.57
C LYS A 264 14.90 12.52 -14.81
N ALA A 265 15.96 11.88 -15.28
CA ALA A 265 17.27 11.89 -14.61
C ALA A 265 18.37 12.31 -15.58
N TRP A 266 19.37 13.03 -15.05
CA TRP A 266 20.62 13.41 -15.74
C TRP A 266 21.76 13.03 -14.81
N TYR A 267 22.69 12.20 -15.28
CA TYR A 267 23.88 11.76 -14.51
C TYR A 267 24.88 11.12 -15.50
N LYS A 268 26.16 11.12 -15.13
CA LYS A 268 27.19 10.34 -15.87
C LYS A 268 27.96 9.49 -14.85
N GLU A 269 27.68 8.20 -14.85
CA GLU A 269 28.47 7.17 -14.13
C GLU A 269 29.89 7.15 -14.70
N ASN A 270 30.89 7.05 -13.81
CA ASN A 270 32.30 6.83 -14.20
C ASN A 270 32.37 5.80 -15.32
N GLY A 271 33.16 6.12 -16.35
CA GLY A 271 33.42 5.21 -17.48
C GLY A 271 32.13 4.80 -18.18
N LYS A 272 31.13 5.69 -18.21
CA LYS A 272 29.90 5.48 -19.03
C LYS A 272 29.47 6.80 -19.66
N ASP A 273 28.56 6.71 -20.61
CA ASP A 273 27.99 7.89 -21.28
C ASP A 273 26.93 8.53 -20.37
N ALA A 274 26.91 9.86 -20.34
CA ALA A 274 25.88 10.68 -19.68
C ALA A 274 24.50 10.07 -19.95
N VAL A 275 23.65 10.02 -18.93
CA VAL A 275 22.18 9.81 -19.11
C VAL A 275 21.57 11.21 -19.09
N ASP A 276 20.75 11.54 -20.08
CA ASP A 276 20.33 12.91 -20.41
C ASP A 276 18.81 12.96 -20.48
N GLY A 277 18.16 12.99 -19.31
CA GLY A 277 16.70 13.16 -19.20
C GLY A 277 15.93 11.92 -19.61
N LYS A 278 16.44 10.74 -19.29
CA LYS A 278 15.69 9.48 -19.48
C LYS A 278 14.56 9.46 -18.45
N GLU A 279 13.42 8.88 -18.82
CA GLU A 279 12.21 8.85 -17.95
C GLU A 279 12.30 7.63 -17.03
N PHE A 280 11.94 7.80 -15.76
CA PHE A 280 11.88 6.72 -14.74
C PHE A 280 10.57 6.97 -14.00
N ASN A 281 9.51 6.34 -14.46
CA ASN A 281 8.12 6.54 -13.98
C ASN A 281 7.70 5.32 -13.16
N HIS A 282 6.70 5.48 -12.29
CA HIS A 282 6.18 4.32 -11.55
C HIS A 282 4.71 4.54 -11.24
N SER A 283 3.94 3.45 -11.32
CA SER A 283 2.50 3.41 -10.96
C SER A 283 2.31 2.51 -9.74
N VAL A 284 1.43 2.97 -8.86
CA VAL A 284 0.96 2.25 -7.66
C VAL A 284 -0.54 2.05 -7.81
N ALA A 285 -0.98 0.79 -7.75
CA ALA A 285 -2.40 0.41 -7.75
C ALA A 285 -3.03 0.90 -6.45
N ASN A 286 -4.18 1.55 -6.54
CA ASN A 286 -4.99 1.88 -5.34
C ASN A 286 -5.63 0.59 -4.78
N VAL A 287 -6.11 0.63 -3.55
CA VAL A 287 -6.78 -0.50 -2.86
C VAL A 287 -8.13 0.02 -2.43
N ASN A 288 -9.05 -0.88 -2.16
CA ASN A 288 -10.41 -0.48 -1.78
C ASN A 288 -10.95 -1.48 -0.80
N ALA A 289 -12.10 -1.14 -0.24
CA ALA A 289 -13.02 -2.11 0.37
C ALA A 289 -14.42 -1.60 0.05
N ALA A 290 -15.39 -2.50 -0.06
CA ALA A 290 -16.78 -2.19 -0.43
C ALA A 290 -17.68 -3.20 0.26
N GLY A 291 -18.96 -2.87 0.36
CA GLY A 291 -19.92 -3.88 0.85
C GLY A 291 -21.30 -3.29 0.88
N GLY A 292 -22.30 -4.14 1.05
CA GLY A 292 -23.72 -3.76 0.96
C GLY A 292 -24.52 -4.68 1.84
N VAL A 293 -25.66 -4.20 2.31
CA VAL A 293 -26.68 -5.04 3.00
C VAL A 293 -27.99 -4.81 2.26
N ASP A 294 -28.81 -5.85 2.12
CA ASP A 294 -30.24 -5.67 1.75
C ASP A 294 -31.16 -6.41 2.73
N GLY A 295 -32.42 -6.05 2.69
CA GLY A 295 -33.47 -6.65 3.54
C GLY A 295 -34.73 -5.81 3.48
N ARG A 296 -35.78 -6.17 4.22
CA ARG A 296 -37.09 -5.48 4.19
C ARG A 296 -37.57 -5.22 5.63
S SO4 B . -5.92 -17.84 -9.71
O1 SO4 B . -7.06 -17.12 -9.15
O2 SO4 B . -5.45 -17.21 -10.91
O3 SO4 B . -6.36 -19.17 -10.04
O4 SO4 B . -4.83 -17.88 -8.76
S SO4 C . 3.15 -2.93 4.76
O1 SO4 C . 2.39 -2.80 3.54
O2 SO4 C . 3.18 -1.65 5.44
O3 SO4 C . 2.52 -3.92 5.63
O4 SO4 C . 4.50 -3.33 4.46
S SO4 D . -7.77 6.05 -12.98
O1 SO4 D . -7.72 7.40 -13.47
O2 SO4 D . -8.84 5.96 -12.02
O3 SO4 D . -8.04 5.14 -14.06
O4 SO4 D . -6.49 5.70 -12.38
S SO4 E . 3.94 -20.17 8.81
O1 SO4 E . 4.12 -19.56 7.51
O2 SO4 E . 4.86 -19.62 9.75
O3 SO4 E . 4.17 -21.57 8.61
O4 SO4 E . 2.56 -19.89 9.27
S SO4 F . 10.20 19.32 -15.76
O1 SO4 F . 11.26 19.86 -14.94
O2 SO4 F . 9.67 20.37 -16.57
O3 SO4 F . 9.14 18.79 -14.95
O4 SO4 F . 10.73 18.25 -16.58
S SO4 G . -29.19 3.56 19.97
O1 SO4 G . -28.53 4.41 20.93
O2 SO4 G . -30.41 4.13 19.55
O3 SO4 G . -29.45 2.27 20.58
O4 SO4 G . -28.33 3.38 18.83
S SO4 H . -0.53 17.24 -7.92
O1 SO4 H . -1.82 17.46 -7.34
O2 SO4 H . 0.07 18.53 -8.22
O3 SO4 H . -0.70 16.48 -9.14
O4 SO4 H . 0.31 16.51 -6.99
C1 GOL I . -1.52 -24.23 -7.37
O1 GOL I . -2.31 -25.27 -7.96
C2 GOL I . -2.29 -23.46 -6.32
O2 GOL I . -1.42 -22.56 -5.64
C3 GOL I . -3.46 -22.65 -6.86
O3 GOL I . -4.16 -21.97 -5.83
C1 GOL J . -3.97 -3.61 13.33
O1 GOL J . -4.24 -2.76 12.20
C2 GOL J . -4.99 -4.73 13.43
O2 GOL J . -4.35 -6.00 13.33
C3 GOL J . -5.84 -4.73 14.68
O3 GOL J . -6.85 -5.75 14.61
C1 GOL K . -9.44 0.94 -6.81
O1 GOL K . -9.28 -0.48 -6.83
C2 GOL K . -10.70 1.33 -6.07
O2 GOL K . -10.38 2.24 -5.02
C3 GOL K . -11.76 1.94 -6.95
O3 GOL K . -13.04 1.48 -6.57
C1 GOL L . 29.17 20.81 -9.61
O1 GOL L . 28.85 19.47 -9.26
C2 GOL L . 28.90 21.77 -8.47
O2 GOL L . 29.70 21.40 -7.34
C3 GOL L . 27.45 21.84 -8.06
O3 GOL L . 27.08 23.12 -7.54
#